data_6ML2
#
_entry.id   6ML2
#
_cell.length_a   46.065
_cell.length_b   68.619
_cell.length_c   49.477
_cell.angle_alpha   90.00
_cell.angle_beta   91.90
_cell.angle_gamma   90.00
#
_symmetry.space_group_name_H-M   'P 1 21 1'
#
loop_
_entity.id
_entity.type
_entity.pdbx_description
1 polymer 'Zinc finger and BTB domain-containing protein 24'
2 polymer "DNA (5'-D(*AP*CP*GP*CP*AP*GP*GP*TP*CP*CP*TP*GP*GP*CP*AP*GP*CP*TP*AP*A)-3')"
3 polymer "DNA (5'-D(*TP*TP*TP*AP*GP*CP*TP*GP*CP*CP*AP*GP*GP*AP*CP*CP*TP*GP*CP*G)-3')"
4 non-polymer 'ZINC ION'
5 water water
#
loop_
_entity_poly.entity_id
_entity_poly.type
_entity_poly.pdbx_seq_one_letter_code
_entity_poly.pdbx_strand_id
1 'polypeptide(L)'
;GPLGSKSFTCDQCGKYFSQKRQLKSHYRVHTGHSLPECSHCHRKFMDVSQLKKHLRTHTGEKPFTCEICGKSFTAKSSLQ
THIRIHRGEKPYSCSICGKCFSDSSAKRRHCILHTGKKPFSCPECGLQFARLDNLKAHLKIHSKEKHTADY
;
A
2 'polydeoxyribonucleotide' (DA)(DC)(DG)(DC)(DA)(DG)(DG)(DT)(DC)(DC)(DT)(DG)(DG)(DC)(DA)(DG)(DC)(DT)(DA)(DA) E
3 'polydeoxyribonucleotide' (DT)(DT)(DT)(DA)(DG)(DC)(DT)(DG)(DC)(DC)(DA)(DG)(DG)(DA)(DC)(DC)(DT)(DG)(DC)(DG) F
#
# COMPACT_ATOMS: atom_id res chain seq x y z
N SER A 5 17.54 -5.48 -32.88
CA SER A 5 17.56 -6.73 -32.12
C SER A 5 17.94 -6.51 -30.66
N LYS A 6 17.45 -7.37 -29.79
CA LYS A 6 17.74 -7.33 -28.36
C LYS A 6 18.38 -8.66 -27.97
N SER A 7 19.59 -8.60 -27.42
CA SER A 7 20.34 -9.82 -27.13
C SER A 7 20.66 -10.04 -25.66
N PHE A 8 20.42 -9.05 -24.80
CA PHE A 8 20.71 -9.16 -23.37
C PHE A 8 19.39 -9.30 -22.62
N THR A 9 19.21 -10.43 -21.94
CA THR A 9 17.96 -10.72 -21.25
C THR A 9 18.21 -10.85 -19.76
N CYS A 10 17.19 -10.48 -18.97
CA CYS A 10 17.26 -10.61 -17.52
C CYS A 10 16.87 -12.01 -17.10
N ASP A 11 17.55 -12.51 -16.07
CA ASP A 11 17.31 -13.88 -15.61
C ASP A 11 15.94 -14.02 -14.96
N GLN A 12 15.56 -13.09 -14.08
CA GLN A 12 14.38 -13.28 -13.25
C GLN A 12 13.10 -12.87 -13.99
N CYS A 13 13.05 -11.67 -14.56
CA CYS A 13 11.84 -11.20 -15.20
C CYS A 13 11.82 -11.43 -16.71
N GLY A 14 12.99 -11.52 -17.34
CA GLY A 14 13.06 -11.86 -18.76
C GLY A 14 13.05 -10.67 -19.70
N LYS A 15 13.08 -9.44 -19.20
CA LYS A 15 13.14 -8.28 -20.07
C LYS A 15 14.40 -8.32 -20.92
N TYR A 16 14.33 -7.71 -22.11
CA TYR A 16 15.44 -7.66 -23.04
C TYR A 16 16.05 -6.26 -23.06
N PHE A 17 17.33 -6.19 -23.44
CA PHE A 17 18.05 -4.94 -23.51
C PHE A 17 19.05 -4.99 -24.65
N SER A 18 19.36 -3.81 -25.20
CA SER A 18 20.29 -3.73 -26.32
C SER A 18 21.75 -3.72 -25.87
N GLN A 19 22.03 -3.22 -24.67
CA GLN A 19 23.38 -3.16 -24.13
C GLN A 19 23.41 -3.83 -22.76
N LYS A 20 24.59 -4.32 -22.38
CA LYS A 20 24.73 -5.03 -21.11
C LYS A 20 24.65 -4.09 -19.92
N ARG A 21 25.14 -2.85 -20.08
CA ARG A 21 25.06 -1.88 -18.99
C ARG A 21 23.62 -1.61 -18.60
N GLN A 22 22.72 -1.58 -19.58
CA GLN A 22 21.29 -1.42 -19.29
C GLN A 22 20.75 -2.62 -18.53
N LEU A 23 21.26 -3.81 -18.81
CA LEU A 23 20.84 -4.99 -18.06
C LEU A 23 21.38 -4.95 -16.63
N LYS A 24 22.59 -4.44 -16.45
CA LYS A 24 23.16 -4.35 -15.10
C LYS A 24 22.39 -3.37 -14.24
N SER A 25 21.99 -2.23 -14.80
CA SER A 25 21.18 -1.27 -14.05
C SER A 25 19.84 -1.87 -13.67
N HIS A 26 19.17 -2.53 -14.62
CA HIS A 26 17.87 -3.15 -14.32
C HIS A 26 18.00 -4.23 -13.26
N TYR A 27 19.11 -4.98 -13.27
CA TYR A 27 19.25 -6.08 -12.34
C TYR A 27 19.40 -5.61 -10.90
N ARG A 28 19.72 -4.32 -10.69
CA ARG A 28 19.75 -3.79 -9.33
C ARG A 28 18.36 -3.77 -8.69
N VAL A 29 17.30 -3.84 -9.51
CA VAL A 29 15.94 -3.92 -8.99
C VAL A 29 15.60 -5.31 -8.46
N HIS A 30 16.45 -6.30 -8.71
CA HIS A 30 16.32 -7.63 -8.12
C HIS A 30 17.27 -7.83 -6.94
N THR A 31 17.98 -6.78 -6.53
CA THR A 31 18.94 -6.88 -5.43
C THR A 31 18.94 -5.60 -4.58
N SER A 34 22.44 -3.00 -5.83
CA SER A 34 22.55 -1.65 -5.26
C SER A 34 21.44 -0.75 -5.78
N LEU A 35 20.36 -0.65 -4.99
CA LEU A 35 19.18 0.17 -5.28
C LEU A 35 19.18 1.43 -4.44
N PRO A 36 18.48 2.48 -4.87
CA PRO A 36 18.44 3.72 -4.08
C PRO A 36 17.85 3.48 -2.69
N GLU A 37 18.48 4.08 -1.69
CA GLU A 37 18.15 3.83 -0.30
C GLU A 37 18.02 5.15 0.46
N CYS A 38 17.01 5.23 1.33
CA CYS A 38 16.80 6.42 2.14
C CYS A 38 17.92 6.55 3.17
N SER A 39 18.50 7.75 3.26
CA SER A 39 19.59 7.96 4.20
C SER A 39 19.12 8.04 5.65
N HIS A 40 17.82 8.15 5.89
CA HIS A 40 17.30 8.32 7.24
C HIS A 40 16.78 7.03 7.84
N CYS A 41 15.83 6.36 7.17
CA CYS A 41 15.31 5.08 7.64
C CYS A 41 16.00 3.88 7.01
N HIS A 42 16.88 4.11 6.03
CA HIS A 42 17.67 3.07 5.36
C HIS A 42 16.81 2.07 4.59
N ARG A 43 15.61 2.47 4.18
CA ARG A 43 14.76 1.62 3.35
C ARG A 43 15.17 1.74 1.89
N LYS A 44 15.22 0.60 1.21
CA LYS A 44 15.62 0.55 -0.19
C LYS A 44 14.41 0.69 -1.11
N PHE A 45 14.59 1.39 -2.22
CA PHE A 45 13.50 1.68 -3.14
C PHE A 45 13.89 1.32 -4.57
N MET A 46 12.89 0.93 -5.35
CA MET A 46 13.14 0.45 -6.71
C MET A 46 13.73 1.57 -7.57
N ASP A 47 12.97 2.62 -7.80
CA ASP A 47 13.40 3.72 -8.65
C ASP A 47 13.81 4.91 -7.79
N VAL A 48 14.22 5.98 -8.47
CA VAL A 48 14.59 7.21 -7.77
C VAL A 48 13.40 8.12 -7.55
N SER A 49 12.41 8.09 -8.44
CA SER A 49 11.22 8.91 -8.27
C SER A 49 10.38 8.44 -7.07
N GLN A 50 10.37 7.13 -6.82
CA GLN A 50 9.67 6.62 -5.64
C GLN A 50 10.38 7.04 -4.37
N LEU A 51 11.72 7.03 -4.38
CA LEU A 51 12.47 7.56 -3.24
C LEU A 51 12.15 9.03 -3.02
N LYS A 52 12.08 9.81 -4.10
CA LYS A 52 11.74 11.22 -3.99
C LYS A 52 10.42 11.41 -3.25
N LYS A 53 9.40 10.64 -3.63
CA LYS A 53 8.12 10.77 -2.97
C LYS A 53 8.17 10.28 -1.52
N HIS A 54 9.04 9.32 -1.22
CA HIS A 54 9.17 8.81 0.13
C HIS A 54 9.75 9.86 1.07
N LEU A 55 10.63 10.72 0.56
CA LEU A 55 11.23 11.77 1.39
C LEU A 55 10.17 12.65 2.03
N ARG A 56 9.03 12.84 1.35
CA ARG A 56 7.97 13.67 1.89
C ARG A 56 7.35 13.07 3.15
N THR A 57 7.50 11.77 3.38
CA THR A 57 6.99 11.18 4.62
C THR A 57 7.81 11.62 5.82
N HIS A 58 9.12 11.78 5.64
CA HIS A 58 9.95 12.31 6.72
C HIS A 58 9.59 13.76 7.01
N THR A 59 9.32 14.54 5.96
CA THR A 59 9.00 15.96 6.12
C THR A 59 7.68 16.16 6.85
N GLY A 60 6.67 15.35 6.53
CA GLY A 60 5.34 15.53 7.08
C GLY A 60 4.48 16.55 6.37
N GLU A 61 4.92 17.05 5.22
CA GLU A 61 4.16 18.06 4.50
C GLU A 61 3.00 17.44 3.74
N LYS A 62 1.92 18.21 3.58
CA LYS A 62 0.68 17.74 2.98
C LYS A 62 0.23 18.79 1.99
N PRO A 63 0.59 18.63 0.71
CA PRO A 63 0.41 19.71 -0.28
C PRO A 63 -0.89 19.65 -1.08
N PHE A 64 -1.78 18.70 -0.82
CA PHE A 64 -3.01 18.56 -1.59
C PHE A 64 -4.18 18.86 -0.67
N THR A 65 -4.75 20.05 -0.81
CA THR A 65 -5.76 20.54 0.10
C THR A 65 -7.15 20.37 -0.49
N CYS A 66 -8.09 19.92 0.33
CA CYS A 66 -9.46 19.74 -0.12
C CYS A 66 -10.17 21.09 -0.21
N GLU A 67 -10.76 21.37 -1.37
CA GLU A 67 -11.43 22.64 -1.61
C GLU A 67 -12.68 22.81 -0.76
N ILE A 68 -13.25 21.72 -0.27
CA ILE A 68 -14.53 21.78 0.44
C ILE A 68 -14.32 22.02 1.92
N CYS A 69 -13.57 21.14 2.58
CA CYS A 69 -13.41 21.23 4.03
C CYS A 69 -12.11 21.90 4.46
N GLY A 70 -11.04 21.78 3.68
CA GLY A 70 -9.77 22.40 4.01
C GLY A 70 -8.71 21.44 4.51
N LYS A 71 -9.05 20.17 4.72
CA LYS A 71 -8.04 19.20 5.12
C LYS A 71 -7.07 18.96 3.97
N SER A 72 -5.82 18.65 4.32
CA SER A 72 -4.76 18.43 3.35
C SER A 72 -4.26 16.98 3.42
N PHE A 73 -3.73 16.50 2.31
CA PHE A 73 -3.36 15.09 2.16
C PHE A 73 -1.95 14.98 1.60
N THR A 74 -1.27 13.89 1.95
CA THR A 74 0.08 13.69 1.47
C THR A 74 0.15 13.29 0.00
N ALA A 75 -0.98 12.97 -0.62
CA ALA A 75 -0.97 12.51 -2.00
C ALA A 75 -2.25 12.96 -2.69
N LYS A 76 -2.17 13.11 -4.01
CA LYS A 76 -3.28 13.61 -4.80
C LYS A 76 -4.37 12.56 -4.99
N SER A 77 -4.01 11.27 -4.99
CA SER A 77 -5.04 10.24 -5.07
C SER A 77 -5.80 10.12 -3.76
N SER A 78 -5.14 10.42 -2.64
CA SER A 78 -5.86 10.47 -1.37
C SER A 78 -6.91 11.57 -1.40
N LEU A 79 -6.57 12.70 -2.02
CA LEU A 79 -7.52 13.81 -2.08
C LEU A 79 -8.70 13.49 -2.98
N GLN A 80 -8.44 12.85 -4.13
CA GLN A 80 -9.52 12.44 -5.01
C GLN A 80 -10.47 11.48 -4.31
N THR A 81 -9.92 10.52 -3.55
CA THR A 81 -10.76 9.60 -2.79
C THR A 81 -11.59 10.36 -1.77
N HIS A 82 -10.93 11.21 -0.98
CA HIS A 82 -11.62 12.02 0.02
C HIS A 82 -12.77 12.80 -0.59
N ILE A 83 -12.58 13.33 -1.81
CA ILE A 83 -13.61 14.14 -2.43
C ILE A 83 -14.87 13.33 -2.68
N ARG A 84 -14.73 12.05 -3.04
CA ARG A 84 -15.91 11.24 -3.29
C ARG A 84 -16.79 11.11 -2.06
N ILE A 85 -16.21 11.24 -0.86
CA ILE A 85 -17.01 11.23 0.36
C ILE A 85 -17.93 12.46 0.41
N HIS A 86 -17.37 13.64 0.14
CA HIS A 86 -18.19 14.85 0.07
C HIS A 86 -19.30 14.71 -0.96
N ARG A 87 -18.97 14.18 -2.15
CA ARG A 87 -19.93 14.09 -3.24
C ARG A 87 -20.86 12.90 -3.11
N GLY A 88 -20.72 12.07 -2.09
CA GLY A 88 -21.54 10.89 -1.96
C GLY A 88 -21.39 9.92 -3.11
N GLU A 89 -20.24 9.91 -3.77
CA GLU A 89 -19.97 8.99 -4.86
C GLU A 89 -19.44 7.67 -4.29
N LYS A 90 -20.20 6.59 -4.47
CA LYS A 90 -19.80 5.26 -4.01
C LYS A 90 -19.74 4.31 -5.22
N PRO A 91 -18.65 4.33 -5.98
CA PRO A 91 -18.59 3.53 -7.21
C PRO A 91 -18.28 2.06 -6.97
N TYR A 92 -17.64 1.71 -5.87
CA TYR A 92 -17.15 0.35 -5.66
C TYR A 92 -18.18 -0.43 -4.85
N SER A 93 -18.64 -1.55 -5.39
CA SER A 93 -19.72 -2.32 -4.79
C SER A 93 -19.30 -3.78 -4.67
N CYS A 94 -19.74 -4.43 -3.60
CA CYS A 94 -19.48 -5.85 -3.38
C CYS A 94 -20.37 -6.68 -4.29
N SER A 95 -19.75 -7.54 -5.10
CA SER A 95 -20.50 -8.38 -6.03
C SER A 95 -21.49 -9.30 -5.31
N ILE A 96 -21.17 -9.68 -4.07
CA ILE A 96 -21.96 -10.69 -3.37
C ILE A 96 -23.03 -10.04 -2.50
N CYS A 97 -22.61 -9.22 -1.53
CA CYS A 97 -23.56 -8.63 -0.60
C CYS A 97 -24.15 -7.30 -1.08
N GLY A 98 -23.59 -6.71 -2.14
CA GLY A 98 -24.17 -5.52 -2.76
C GLY A 98 -23.87 -4.20 -2.08
N LYS A 99 -23.08 -4.19 -1.01
CA LYS A 99 -22.75 -2.94 -0.32
C LYS A 99 -21.79 -2.10 -1.17
N CYS A 100 -21.93 -0.78 -1.07
CA CYS A 100 -21.18 0.17 -1.88
C CYS A 100 -20.23 0.99 -1.02
N PHE A 101 -19.13 1.43 -1.64
CA PHE A 101 -18.06 2.12 -0.94
C PHE A 101 -17.49 3.24 -1.79
N SER A 102 -17.22 4.38 -1.17
CA SER A 102 -16.44 5.42 -1.84
C SER A 102 -14.96 5.11 -1.87
N ASP A 103 -14.49 4.28 -0.93
CA ASP A 103 -13.09 3.95 -0.80
C ASP A 103 -12.86 2.55 -1.37
N SER A 104 -11.93 2.46 -2.31
CA SER A 104 -11.67 1.21 -3.01
C SER A 104 -11.01 0.19 -2.10
N SER A 105 -10.22 0.64 -1.13
CA SER A 105 -9.64 -0.30 -0.19
C SER A 105 -10.69 -0.83 0.79
N ALA A 106 -11.67 0.01 1.16
CA ALA A 106 -12.75 -0.49 2.02
C ALA A 106 -13.53 -1.59 1.34
N LYS A 107 -13.76 -1.46 0.03
CA LYS A 107 -14.46 -2.50 -0.71
C LYS A 107 -13.63 -3.78 -0.76
N ARG A 108 -12.33 -3.64 -1.02
CA ARG A 108 -11.47 -4.82 -1.08
C ARG A 108 -11.42 -5.53 0.26
N ARG A 109 -11.30 -4.77 1.35
CA ARG A 109 -11.26 -5.37 2.68
C ARG A 109 -12.58 -6.05 3.01
N HIS A 110 -13.70 -5.47 2.55
CA HIS A 110 -15.02 -6.05 2.80
C HIS A 110 -15.16 -7.40 2.11
N CYS A 111 -14.69 -7.51 0.86
CA CYS A 111 -14.91 -8.74 0.11
C CYS A 111 -14.08 -9.91 0.66
N ILE A 112 -13.08 -9.65 1.49
CA ILE A 112 -12.34 -10.73 2.11
C ILE A 112 -13.21 -11.40 3.18
N LEU A 113 -14.12 -10.65 3.80
CA LEU A 113 -14.95 -11.23 4.85
C LEU A 113 -15.84 -12.35 4.32
N HIS A 114 -16.35 -12.20 3.09
CA HIS A 114 -17.18 -13.23 2.48
C HIS A 114 -16.44 -14.55 2.31
N THR A 115 -15.12 -14.54 2.51
CA THR A 115 -14.36 -15.77 2.37
C THR A 115 -14.22 -16.54 3.67
N GLY A 116 -14.34 -15.88 4.83
CA GLY A 116 -14.24 -16.58 6.10
C GLY A 116 -12.85 -16.97 6.52
N LYS A 117 -11.82 -16.57 5.78
CA LYS A 117 -10.45 -16.88 6.16
C LYS A 117 -10.01 -16.04 7.36
N LYS A 118 -9.36 -16.70 8.31
CA LYS A 118 -8.84 -16.03 9.52
C LYS A 118 -7.40 -16.46 9.75
N PRO A 119 -6.44 -15.83 9.06
CA PRO A 119 -5.05 -16.26 9.12
C PRO A 119 -4.23 -15.71 10.30
N PHE A 120 -4.81 -14.87 11.15
CA PHE A 120 -4.11 -14.30 12.29
C PHE A 120 -4.67 -14.90 13.57
N SER A 121 -3.85 -15.67 14.29
CA SER A 121 -4.27 -16.35 15.51
C SER A 121 -3.47 -15.85 16.70
N CYS A 122 -4.17 -15.67 17.82
CA CYS A 122 -3.55 -15.09 19.00
C CYS A 122 -2.53 -16.07 19.59
N PRO A 123 -1.30 -15.62 19.90
CA PRO A 123 -0.29 -16.55 20.42
C PRO A 123 -0.49 -16.91 21.87
N GLU A 124 -1.35 -16.19 22.59
CA GLU A 124 -1.61 -16.49 23.99
C GLU A 124 -2.79 -17.44 24.16
N CYS A 125 -3.90 -17.18 23.46
CA CYS A 125 -5.13 -17.93 23.64
C CYS A 125 -5.58 -18.73 22.43
N GLY A 126 -5.06 -18.45 21.24
CA GLY A 126 -5.39 -19.22 20.06
C GLY A 126 -6.63 -18.76 19.31
N LEU A 127 -7.16 -17.58 19.62
CA LEU A 127 -8.32 -17.09 18.90
C LEU A 127 -7.93 -16.59 17.51
N GLN A 128 -8.75 -16.94 16.51
CA GLN A 128 -8.45 -16.63 15.11
C GLN A 128 -9.08 -15.31 14.69
N PHE A 129 -8.36 -14.56 13.86
CA PHE A 129 -8.84 -13.27 13.39
C PHE A 129 -8.67 -13.16 11.88
N ALA A 130 -9.64 -12.48 11.26
CA ALA A 130 -9.56 -12.21 9.83
C ALA A 130 -8.68 -11.01 9.53
N ARG A 131 -8.61 -10.05 10.46
CA ARG A 131 -7.85 -8.83 10.27
C ARG A 131 -6.78 -8.72 11.34
N LEU A 132 -5.59 -8.27 10.94
CA LEU A 132 -4.47 -8.13 11.85
C LEU A 132 -4.71 -7.02 12.87
N ASP A 133 -5.41 -5.96 12.47
CA ASP A 133 -5.72 -4.88 13.41
C ASP A 133 -6.47 -5.42 14.62
N ASN A 134 -7.40 -6.35 14.40
CA ASN A 134 -8.23 -6.84 15.51
C ASN A 134 -7.44 -7.77 16.41
N LEU A 135 -6.44 -8.47 15.88
CA LEU A 135 -5.57 -9.27 16.75
C LEU A 135 -4.71 -8.36 17.61
N LYS A 136 -4.24 -7.26 17.03
CA LYS A 136 -3.45 -6.29 17.78
C LYS A 136 -4.23 -5.82 19.02
N ALA A 137 -5.49 -5.45 18.84
CA ALA A 137 -6.27 -4.93 19.97
C ALA A 137 -6.57 -6.03 20.97
N HIS A 138 -6.79 -7.26 20.49
CA HIS A 138 -7.07 -8.37 21.40
C HIS A 138 -5.87 -8.70 22.26
N LEU A 139 -4.65 -8.60 21.70
CA LEU A 139 -3.46 -8.82 22.50
C LEU A 139 -3.27 -7.74 23.56
N LYS A 140 -3.76 -6.53 23.29
CA LYS A 140 -3.74 -5.49 24.31
C LYS A 140 -4.55 -5.91 25.54
N ILE A 141 -5.64 -6.65 25.31
CA ILE A 141 -6.43 -7.17 26.43
C ILE A 141 -5.62 -8.17 27.24
N HIS A 142 -4.90 -9.07 26.54
CA HIS A 142 -4.04 -10.04 27.21
C HIS A 142 -2.96 -9.39 28.06
N SER A 143 -2.71 -8.10 27.89
CA SER A 143 -1.65 -7.40 28.61
C SER A 143 -2.06 -6.98 30.02
N LYS A 144 -3.11 -7.59 30.58
CA LYS A 144 -3.49 -7.33 31.97
C LYS A 144 -2.30 -7.53 32.89
N GLU A 145 -1.97 -6.48 33.65
CA GLU A 145 -0.74 -6.42 34.44
C GLU A 145 0.51 -6.60 33.55
#